data_3DRK
#
_entry.id   3DRK
#
_cell.length_a   39.622
_cell.length_b   123.126
_cell.length_c   59.281
_cell.angle_alpha   90.000
_cell.angle_beta   102.310
_cell.angle_gamma   90.000
#
_symmetry.space_group_name_H-M   'P 1 21 1'
#
loop_
_entity.id
_entity.type
_entity.pdbx_description
1 polymer 'Oligopeptide-binding protein oppA'
2 polymer 'Neuropeptide S'
3 water water
#
loop_
_entity_poly.entity_id
_entity_poly.type
_entity_poly.pdbx_seq_one_letter_code
_entity_poly.pdbx_strand_id
1 'polypeptide(L)'
;MGSNQSSSTSTKKLKAGNFDVAYQNPDKAIKGGNLKVAYQSDSPMKAQWLSGLSNDATFATMSGPGGGQDGLFFTDSGFK
FIKGGAADVALDKESKTATITLRKDLKWSDGSEVTAKDYEFTYETIANPAYGSDRWTDSLANIVGLSDYHTGKAKTISGI
TFPDGENGKVIKVQFKEMKPGMTQSGNGYFLETVAPYQYLKDVAPKDLASSPKTTTKPLVTGPFKPENVVAGESIKYVPN
PYYWGEKPKLNSITYEVVSTAKSVAALSSSKYDIINGMVSSQYKQVKNLKGYKVLGQQAMYISLMYYNLGHYDAKNSINV
QDRKTPLQDQNVRQAIGYARNVAEVDNKFSNGLSTPANSLIPPIFKQFTSSSVKGYEKQDLDKANKLLDEDGWKLNKSTG
YREKDGKELSLVYAARVGDANAETIAQNYIQQWKKIGVKVSLYNGKLMEFNSWVDHMTTPPGANDWDITDGSWSLASEPS
QQDLFSAAAPYNFGHFNDSEITKDLNDIDSAKSENPTYRKAAFVKYQEDMNKKAYVIPTNFMLNYTPVNKRVVGMTLDYG
AMNTWSEIGVSSAKLATKGSIEGRHHHHHH
;
A
2 'polypeptide(L)' SFANG B
#
# COMPACT_ATOMS: atom_id res chain seq x y z
N LEU A 14 8.19 9.46 -18.89
CA LEU A 14 7.32 9.33 -17.73
C LEU A 14 7.83 10.28 -16.64
N LYS A 15 6.91 11.02 -16.07
CA LYS A 15 7.23 11.85 -14.92
C LYS A 15 6.31 11.52 -13.76
N ALA A 16 6.78 11.81 -12.59
CA ALA A 16 5.97 11.77 -11.39
C ALA A 16 6.23 13.10 -10.68
N GLY A 17 5.23 13.96 -10.63
CA GLY A 17 5.50 15.34 -10.30
C GLY A 17 6.57 15.89 -11.25
N ASN A 18 7.55 16.59 -10.69
CA ASN A 18 8.67 17.08 -11.46
C ASN A 18 9.81 16.05 -11.56
N PHE A 19 9.56 14.87 -11.06
CA PHE A 19 10.55 13.83 -11.04
C PHE A 19 10.46 12.99 -12.29
N ASP A 20 11.60 12.54 -12.76
CA ASP A 20 11.65 11.54 -13.78
C ASP A 20 11.50 10.18 -13.12
N VAL A 21 10.81 9.30 -13.79
CA VAL A 21 10.58 7.99 -13.29
C VAL A 21 11.73 7.02 -13.63
N ALA A 22 12.35 7.26 -14.77
CA ALA A 22 13.48 6.51 -15.24
C ALA A 22 14.76 7.35 -15.38
N TYR A 23 15.88 6.72 -15.17
CA TYR A 23 17.15 7.32 -15.44
C TYR A 23 17.59 6.81 -16.79
N GLN A 24 17.47 7.62 -17.81
CA GLN A 24 17.92 7.26 -19.12
C GLN A 24 19.38 7.56 -19.21
N ASN A 25 20.21 6.57 -18.92
CA ASN A 25 21.67 6.64 -19.03
C ASN A 25 22.06 6.65 -20.53
N PRO A 26 22.89 7.55 -20.94
CA PRO A 26 23.21 7.67 -22.34
C PRO A 26 24.35 6.71 -22.67
N ASP A 27 24.97 6.13 -21.67
CA ASP A 27 26.15 5.31 -21.85
C ASP A 27 25.72 3.83 -21.85
N LYS A 28 26.36 3.01 -22.63
CA LYS A 28 25.95 1.62 -22.75
C LYS A 28 26.38 0.85 -21.49
N ALA A 29 25.65 -0.17 -21.13
CA ALA A 29 26.08 -1.05 -20.06
C ALA A 29 27.25 -1.93 -20.46
N ILE A 30 28.14 -2.21 -19.54
CA ILE A 30 29.10 -3.27 -19.72
C ILE A 30 28.48 -4.68 -19.54
N LYS A 31 29.21 -5.70 -19.99
CA LYS A 31 28.92 -7.07 -19.62
C LYS A 31 29.46 -7.34 -18.23
N GLY A 32 28.59 -7.78 -17.36
CA GLY A 32 28.97 -8.02 -16.00
C GLY A 32 28.79 -6.83 -15.08
N GLY A 33 29.51 -6.84 -13.98
CA GLY A 33 29.57 -5.78 -12.99
C GLY A 33 28.88 -6.17 -11.70
N ASN A 34 29.06 -5.37 -10.67
CA ASN A 34 28.43 -5.62 -9.40
C ASN A 34 27.60 -4.38 -9.01
N LEU A 35 26.35 -4.58 -8.61
CA LEU A 35 25.54 -3.47 -8.23
C LEU A 35 25.37 -3.48 -6.71
N LYS A 36 25.46 -2.33 -6.09
CA LYS A 36 25.42 -2.18 -4.63
C LYS A 36 24.19 -1.39 -4.28
N VAL A 37 23.22 -2.06 -3.69
CA VAL A 37 21.96 -1.49 -3.32
C VAL A 37 21.84 -1.51 -1.80
N ALA A 38 21.18 -0.51 -1.27
CA ALA A 38 20.80 -0.55 0.14
C ALA A 38 19.31 -0.22 0.41
N TYR A 39 18.83 -0.72 1.53
CA TYR A 39 17.56 -0.32 2.06
C TYR A 39 17.75 0.50 3.35
N GLN A 40 17.16 1.68 3.42
CA GLN A 40 17.22 2.49 4.62
C GLN A 40 16.33 1.92 5.71
N SER A 41 16.94 1.50 6.79
CA SER A 41 16.21 1.01 7.94
C SER A 41 17.07 1.17 9.20
N ASP A 42 16.50 1.62 10.28
CA ASP A 42 17.21 1.65 11.56
C ASP A 42 16.95 0.41 12.40
N SER A 43 16.28 -0.52 11.79
CA SER A 43 16.10 -1.79 12.37
C SER A 43 16.58 -2.97 11.44
N PRO A 44 17.11 -4.02 12.04
CA PRO A 44 17.63 -5.11 11.22
C PRO A 44 16.60 -5.74 10.28
N MET A 45 17.07 -6.16 9.12
CA MET A 45 16.30 -7.01 8.21
C MET A 45 15.98 -8.37 8.85
N LYS A 46 14.88 -8.99 8.50
CA LYS A 46 14.60 -10.36 8.94
C LYS A 46 14.39 -11.25 7.76
N ALA A 47 15.37 -12.07 7.42
CA ALA A 47 15.24 -12.94 6.27
C ALA A 47 14.22 -14.02 6.45
N GLN A 48 13.26 -14.06 5.53
CA GLN A 48 12.27 -15.10 5.46
C GLN A 48 11.76 -15.11 4.03
N TRP A 49 12.09 -16.17 3.29
CA TRP A 49 11.93 -16.21 1.85
C TRP A 49 10.53 -16.63 1.43
N LEU A 50 9.78 -17.16 2.37
CA LEU A 50 8.43 -17.57 2.14
C LEU A 50 7.50 -16.42 2.45
N SER A 51 6.77 -16.01 1.43
CA SER A 51 5.91 -14.87 1.59
C SER A 51 4.97 -15.01 2.77
N GLY A 52 4.31 -16.15 2.88
CA GLY A 52 3.35 -16.33 3.94
C GLY A 52 3.90 -16.14 5.33
N LEU A 53 5.18 -16.45 5.49
CA LEU A 53 5.80 -16.46 6.84
C LEU A 53 6.56 -15.19 7.19
N SER A 54 6.66 -14.30 6.21
CA SER A 54 7.43 -13.11 6.29
C SER A 54 6.61 -11.90 6.72
N ASN A 55 7.07 -11.25 7.78
CA ASN A 55 6.39 -10.11 8.34
C ASN A 55 7.20 -8.84 8.31
N ASP A 56 8.39 -8.87 7.74
CA ASP A 56 9.31 -7.73 7.75
C ASP A 56 9.31 -7.01 6.39
N ALA A 57 8.87 -5.77 6.38
CA ALA A 57 8.86 -5.00 5.15
C ALA A 57 10.23 -4.69 4.54
N THR A 58 11.23 -4.48 5.38
CA THR A 58 12.56 -4.28 4.86
C THR A 58 12.97 -5.47 3.97
N PHE A 59 12.92 -6.66 4.54
CA PHE A 59 13.33 -7.86 3.84
C PHE A 59 12.49 -8.16 2.61
N ALA A 60 11.19 -7.95 2.66
CA ALA A 60 10.36 -8.11 1.48
C ALA A 60 10.92 -7.34 0.29
N THR A 61 11.32 -6.11 0.51
CA THR A 61 11.85 -5.31 -0.57
C THR A 61 13.22 -5.87 -1.01
N MET A 62 14.04 -6.18 -0.02
CA MET A 62 15.36 -6.73 -0.27
C MET A 62 15.35 -8.08 -1.06
N SER A 63 14.26 -8.80 -0.96
CA SER A 63 14.09 -10.04 -1.70
C SER A 63 13.85 -9.83 -3.23
N GLY A 64 13.69 -8.58 -3.67
CA GLY A 64 13.39 -8.30 -5.05
C GLY A 64 14.22 -9.03 -6.12
N PRO A 65 15.54 -8.88 -6.07
CA PRO A 65 16.35 -9.59 -7.07
C PRO A 65 16.18 -11.12 -7.05
N GLY A 66 15.78 -11.71 -5.93
CA GLY A 66 15.52 -13.14 -5.89
C GLY A 66 14.14 -13.63 -6.33
N GLY A 67 13.37 -12.69 -6.87
CA GLY A 67 12.00 -12.93 -7.20
C GLY A 67 10.86 -12.35 -6.32
N GLY A 68 11.21 -11.61 -5.31
CA GLY A 68 10.23 -11.00 -4.43
C GLY A 68 9.39 -12.00 -3.65
N GLN A 69 10.05 -13.01 -3.10
CA GLN A 69 9.41 -14.04 -2.32
C GLN A 69 8.52 -14.90 -3.28
N ASP A 70 9.09 -15.03 -4.47
CA ASP A 70 8.61 -15.87 -5.51
C ASP A 70 7.20 -15.54 -5.99
N GLY A 71 7.00 -14.26 -6.28
CA GLY A 71 5.76 -13.87 -6.90
C GLY A 71 5.65 -14.38 -8.32
N LEU A 72 4.45 -14.74 -8.75
CA LEU A 72 4.21 -15.38 -10.04
C LEU A 72 3.81 -14.46 -11.23
N PHE A 73 3.10 -13.37 -10.95
CA PHE A 73 2.40 -12.67 -12.01
C PHE A 73 3.02 -11.37 -12.41
N PHE A 74 3.09 -11.13 -13.71
CA PHE A 74 3.40 -9.79 -14.18
C PHE A 74 2.15 -8.90 -14.10
N THR A 75 2.34 -7.58 -14.14
CA THR A 75 1.26 -6.65 -14.21
C THR A 75 1.59 -5.48 -15.12
N ASP A 76 0.57 -4.71 -15.48
CA ASP A 76 0.80 -3.46 -16.15
C ASP A 76 1.23 -2.34 -15.18
N SER A 77 1.26 -1.12 -15.54
N SER A 77 1.28 -1.12 -15.53
CA SER A 77 1.68 -0.04 -14.63
CA SER A 77 1.69 -0.06 -14.60
C SER A 77 0.61 0.38 -13.61
C SER A 77 0.65 0.29 -13.53
N GLY A 78 -0.61 -0.20 -13.70
CA GLY A 78 -1.68 -0.01 -12.74
C GLY A 78 -1.98 -1.27 -11.94
N PHE A 79 -1.07 -2.23 -12.03
CA PHE A 79 -1.11 -3.48 -11.24
C PHE A 79 -2.17 -4.47 -11.67
N LYS A 80 -2.62 -4.31 -12.88
CA LYS A 80 -3.52 -5.23 -13.45
C LYS A 80 -2.74 -6.42 -14.03
N PHE A 81 -3.15 -7.65 -13.73
CA PHE A 81 -2.44 -8.78 -14.23
C PHE A 81 -2.34 -8.78 -15.75
N ILE A 82 -1.15 -9.12 -16.25
CA ILE A 82 -0.96 -9.43 -17.64
C ILE A 82 -0.33 -10.82 -17.79
N LYS A 83 -0.19 -11.30 -19.01
CA LYS A 83 0.43 -12.59 -19.24
C LYS A 83 1.93 -12.42 -19.33
N GLY A 84 2.70 -13.48 -19.16
CA GLY A 84 4.11 -13.39 -19.43
C GLY A 84 5.11 -13.49 -18.29
N GLY A 85 4.63 -13.46 -17.05
CA GLY A 85 5.46 -13.67 -15.92
C GLY A 85 5.78 -15.13 -15.71
N ALA A 86 6.22 -15.46 -14.51
CA ALA A 86 6.46 -16.83 -14.14
C ALA A 86 5.25 -17.72 -14.38
N ALA A 87 4.07 -17.16 -14.18
CA ALA A 87 2.82 -17.85 -14.48
C ALA A 87 1.80 -16.88 -15.03
N ASP A 88 0.72 -17.44 -15.58
CA ASP A 88 -0.47 -16.73 -15.99
C ASP A 88 -1.66 -17.09 -15.11
N VAL A 89 -2.58 -16.14 -14.98
CA VAL A 89 -3.82 -16.37 -14.30
C VAL A 89 -4.96 -15.91 -15.20
N ALA A 90 -5.97 -16.75 -15.24
CA ALA A 90 -7.14 -16.53 -16.03
C ALA A 90 -8.35 -16.60 -15.11
N LEU A 91 -9.36 -15.82 -15.36
CA LEU A 91 -10.59 -15.85 -14.59
C LEU A 91 -11.74 -16.26 -15.50
N ASP A 92 -12.59 -17.15 -15.01
CA ASP A 92 -13.77 -17.62 -15.70
C ASP A 92 -14.95 -17.43 -14.76
N LYS A 93 -15.76 -16.43 -15.05
CA LYS A 93 -16.85 -16.10 -14.15
C LYS A 93 -17.91 -17.16 -14.08
N GLU A 94 -18.22 -17.79 -15.22
CA GLU A 94 -19.31 -18.78 -15.23
C GLU A 94 -18.98 -20.05 -14.50
N SER A 95 -17.71 -20.30 -14.29
CA SER A 95 -17.36 -21.43 -13.49
C SER A 95 -16.78 -21.03 -12.14
N LYS A 96 -16.66 -19.73 -11.86
CA LYS A 96 -16.13 -19.24 -10.59
C LYS A 96 -14.77 -19.82 -10.30
N THR A 97 -13.88 -19.64 -11.26
N THR A 97 -13.89 -19.72 -11.27
CA THR A 97 -12.57 -20.28 -11.15
CA THR A 97 -12.55 -20.27 -11.08
C THR A 97 -11.45 -19.35 -11.58
C THR A 97 -11.46 -19.34 -11.56
N ALA A 98 -10.37 -19.37 -10.85
CA ALA A 98 -9.06 -18.90 -11.30
C ALA A 98 -8.19 -20.06 -11.77
N THR A 99 -7.64 -19.93 -12.96
CA THR A 99 -6.70 -20.94 -13.43
C THR A 99 -5.26 -20.40 -13.52
N ILE A 100 -4.38 -20.92 -12.70
CA ILE A 100 -3.01 -20.46 -12.67
C ILE A 100 -2.21 -21.45 -13.49
N THR A 101 -1.56 -20.94 -14.53
CA THR A 101 -0.71 -21.77 -15.37
C THR A 101 0.77 -21.39 -15.26
N LEU A 102 1.49 -22.28 -14.64
CA LEU A 102 2.90 -22.08 -14.49
C LEU A 102 3.65 -22.31 -15.78
N ARG A 103 4.69 -21.51 -16.02
CA ARG A 103 5.57 -21.74 -17.14
C ARG A 103 6.19 -23.15 -17.22
N LYS A 104 6.16 -23.71 -18.42
CA LYS A 104 6.78 -24.98 -18.67
C LYS A 104 8.18 -25.03 -18.09
N ASP A 105 8.96 -23.98 -18.26
CA ASP A 105 10.32 -23.99 -17.76
C ASP A 105 10.60 -23.13 -16.53
N LEU A 106 9.60 -22.89 -15.71
CA LEU A 106 9.86 -22.28 -14.42
C LEU A 106 10.44 -23.35 -13.46
N LYS A 107 11.60 -23.07 -12.92
CA LYS A 107 12.31 -23.96 -12.04
C LYS A 107 12.69 -23.23 -10.77
N TRP A 108 12.94 -23.96 -9.70
CA TRP A 108 13.65 -23.41 -8.56
C TRP A 108 15.14 -23.24 -8.84
N SER A 109 15.79 -22.49 -7.98
CA SER A 109 17.16 -22.16 -8.11
C SER A 109 18.10 -23.34 -8.07
N ASP A 110 17.62 -24.51 -7.73
CA ASP A 110 18.47 -25.64 -7.67
C ASP A 110 18.19 -26.53 -8.89
N GLY A 111 17.40 -26.04 -9.81
CA GLY A 111 17.08 -26.77 -11.00
C GLY A 111 15.80 -27.55 -11.00
N SER A 112 15.21 -27.74 -9.82
CA SER A 112 14.01 -28.51 -9.70
C SER A 112 12.88 -27.72 -10.27
N GLU A 113 11.88 -28.41 -10.75
CA GLU A 113 10.73 -27.81 -11.36
C GLU A 113 9.87 -27.09 -10.34
N VAL A 114 9.22 -26.04 -10.78
CA VAL A 114 8.11 -25.48 -10.05
C VAL A 114 6.83 -26.12 -10.51
N THR A 115 6.09 -26.71 -9.58
CA THR A 115 4.94 -27.49 -9.89
C THR A 115 3.65 -27.01 -9.25
N ALA A 116 2.56 -27.60 -9.67
CA ALA A 116 1.27 -27.24 -9.17
C ALA A 116 1.25 -27.33 -7.62
N LYS A 117 1.94 -28.31 -7.04
CA LYS A 117 1.95 -28.54 -5.61
C LYS A 117 2.56 -27.35 -4.89
N ASP A 118 3.59 -26.78 -5.49
CA ASP A 118 4.29 -25.69 -4.90
C ASP A 118 3.39 -24.48 -4.71
N TYR A 119 2.38 -24.37 -5.57
CA TYR A 119 1.44 -23.26 -5.46
C TYR A 119 0.47 -23.52 -4.34
N GLU A 120 -0.10 -24.71 -4.33
CA GLU A 120 -0.96 -25.15 -3.24
C GLU A 120 -0.29 -25.01 -1.89
N PHE A 121 0.97 -25.37 -1.83
CA PHE A 121 1.72 -25.33 -0.58
C PHE A 121 1.77 -23.94 0.02
N THR A 122 1.91 -22.92 -0.82
CA THR A 122 1.77 -21.57 -0.34
C THR A 122 0.52 -21.42 0.59
N TYR A 123 -0.61 -21.86 0.09
CA TYR A 123 -1.85 -21.82 0.85
C TYR A 123 -1.72 -22.52 2.19
N GLU A 124 -1.05 -23.65 2.21
CA GLU A 124 -0.90 -24.39 3.46
C GLU A 124 -0.08 -23.59 4.46
N THR A 125 0.97 -22.92 3.98
CA THR A 125 1.80 -22.11 4.86
C THR A 125 1.06 -21.01 5.59
N ILE A 126 0.06 -20.46 4.96
CA ILE A 126 -0.71 -19.38 5.54
C ILE A 126 -1.92 -19.92 6.29
N ALA A 127 -2.55 -20.94 5.75
CA ALA A 127 -3.83 -21.39 6.25
C ALA A 127 -3.75 -22.42 7.42
N ASN A 128 -2.72 -23.22 7.46
CA ASN A 128 -2.54 -24.18 8.53
C ASN A 128 -1.79 -23.44 9.66
N PRO A 129 -2.48 -23.22 10.77
CA PRO A 129 -1.95 -22.49 11.93
C PRO A 129 -0.62 -22.98 12.48
N ALA A 130 -0.29 -24.22 12.19
CA ALA A 130 0.91 -24.83 12.67
C ALA A 130 2.18 -24.09 12.21
N TYR A 131 2.15 -23.45 11.03
CA TYR A 131 3.29 -22.66 10.53
C TYR A 131 3.46 -21.27 11.23
N GLY A 132 2.40 -20.83 11.89
CA GLY A 132 2.43 -19.55 12.58
C GLY A 132 2.39 -18.28 11.75
N SER A 133 1.85 -18.35 10.54
CA SER A 133 1.67 -17.20 9.71
C SER A 133 0.75 -16.18 10.37
N ASP A 134 0.90 -14.91 10.08
CA ASP A 134 -0.07 -13.88 10.46
C ASP A 134 -0.84 -13.35 9.28
N ARG A 135 -0.74 -14.08 8.17
CA ARG A 135 -1.19 -13.59 6.92
C ARG A 135 -2.55 -14.14 6.44
N TRP A 136 -3.22 -14.94 7.25
CA TRP A 136 -4.61 -15.30 6.90
C TRP A 136 -5.50 -14.08 6.84
N THR A 137 -6.40 -14.06 5.86
CA THR A 137 -7.49 -13.10 5.81
C THR A 137 -8.79 -13.78 5.48
N ASP A 138 -9.87 -13.11 5.83
CA ASP A 138 -11.17 -13.60 5.55
C ASP A 138 -11.44 -13.71 4.06
N SER A 139 -10.79 -12.89 3.26
CA SER A 139 -10.94 -12.99 1.83
C SER A 139 -10.67 -14.41 1.37
N LEU A 140 -9.77 -15.08 2.04
CA LEU A 140 -9.42 -16.43 1.68
C LEU A 140 -10.53 -17.47 1.99
N ALA A 141 -11.43 -17.12 2.88
CA ALA A 141 -12.58 -17.99 3.13
C ALA A 141 -13.56 -18.14 1.95
N ASN A 142 -13.40 -17.28 0.96
CA ASN A 142 -14.13 -17.30 -0.28
C ASN A 142 -13.69 -18.42 -1.26
N ILE A 143 -12.52 -19.01 -1.01
CA ILE A 143 -12.04 -20.15 -1.75
C ILE A 143 -12.68 -21.39 -1.17
N VAL A 144 -13.19 -22.22 -2.04
CA VAL A 144 -13.95 -23.32 -1.56
C VAL A 144 -13.07 -24.30 -0.77
N GLY A 145 -13.51 -24.65 0.43
CA GLY A 145 -12.84 -25.62 1.26
C GLY A 145 -11.80 -25.08 2.22
N LEU A 146 -11.45 -23.82 2.04
CA LEU A 146 -10.27 -23.34 2.64
C LEU A 146 -10.51 -22.99 4.11
N SER A 147 -11.64 -22.36 4.42
CA SER A 147 -11.97 -22.10 5.83
C SER A 147 -11.85 -23.41 6.63
N ASP A 148 -12.37 -24.48 6.06
CA ASP A 148 -12.41 -25.79 6.69
C ASP A 148 -11.06 -26.39 6.89
N TYR A 149 -10.12 -26.05 6.01
CA TYR A 149 -8.78 -26.54 6.10
C TYR A 149 -8.16 -25.76 7.25
N HIS A 150 -8.51 -24.48 7.29
CA HIS A 150 -7.90 -23.50 8.16
C HIS A 150 -8.23 -23.78 9.64
N THR A 151 -9.44 -24.20 9.90
CA THR A 151 -9.84 -24.49 11.24
C THR A 151 -9.61 -25.95 11.61
N GLY A 152 -9.11 -26.71 10.65
CA GLY A 152 -8.74 -28.07 10.90
C GLY A 152 -9.83 -29.08 10.74
N LYS A 153 -10.91 -28.69 10.11
CA LYS A 153 -11.98 -29.61 9.79
C LYS A 153 -11.75 -30.53 8.57
N ALA A 154 -10.97 -30.07 7.61
CA ALA A 154 -10.60 -30.87 6.44
C ALA A 154 -9.06 -31.00 6.38
N LYS A 155 -8.58 -32.10 5.82
CA LYS A 155 -7.19 -32.38 5.75
C LYS A 155 -6.58 -31.76 4.51
N THR A 156 -7.47 -31.37 3.59
CA THR A 156 -7.05 -30.80 2.33
C THR A 156 -7.96 -29.67 1.91
N ILE A 157 -7.50 -28.94 0.90
CA ILE A 157 -8.22 -27.78 0.43
C ILE A 157 -9.02 -28.08 -0.82
N SER A 158 -10.31 -28.33 -0.65
CA SER A 158 -11.13 -28.90 -1.71
C SER A 158 -11.26 -28.02 -2.99
N GLY A 159 -11.40 -26.73 -2.82
CA GLY A 159 -11.44 -25.83 -3.94
C GLY A 159 -10.16 -25.60 -4.73
N ILE A 160 -9.08 -26.26 -4.36
CA ILE A 160 -7.86 -26.18 -5.13
C ILE A 160 -7.53 -27.54 -5.73
N THR A 161 -7.68 -27.65 -7.04
CA THR A 161 -7.46 -28.90 -7.73
C THR A 161 -6.42 -28.77 -8.83
N PHE A 162 -5.91 -29.91 -9.29
CA PHE A 162 -4.82 -29.91 -10.22
C PHE A 162 -5.17 -30.63 -11.52
N PRO A 163 -5.54 -29.93 -12.56
CA PRO A 163 -5.83 -30.64 -13.80
C PRO A 163 -4.79 -31.67 -14.29
N ASP A 164 -3.50 -31.49 -14.07
CA ASP A 164 -2.50 -32.44 -14.52
C ASP A 164 -1.74 -32.94 -13.34
N GLY A 165 -2.41 -33.07 -12.21
CA GLY A 165 -1.78 -33.49 -10.98
C GLY A 165 -0.78 -32.58 -10.27
N GLU A 166 -0.30 -33.04 -9.13
CA GLU A 166 0.64 -32.31 -8.32
C GLU A 166 1.91 -31.86 -9.00
N ASN A 167 2.43 -32.70 -9.87
CA ASN A 167 3.68 -32.38 -10.55
C ASN A 167 3.47 -31.74 -11.93
N GLY A 168 2.22 -31.44 -12.22
CA GLY A 168 1.76 -30.70 -13.39
C GLY A 168 1.98 -29.19 -13.22
N LYS A 169 1.60 -28.38 -14.20
CA LYS A 169 1.87 -26.93 -14.21
C LYS A 169 0.61 -26.04 -14.05
N VAL A 170 -0.55 -26.68 -13.86
CA VAL A 170 -1.81 -25.99 -13.75
C VAL A 170 -2.51 -26.22 -12.42
N ILE A 171 -3.05 -25.13 -11.88
CA ILE A 171 -3.85 -25.14 -10.70
C ILE A 171 -5.17 -24.42 -10.96
N LYS A 172 -6.27 -24.99 -10.52
CA LYS A 172 -7.56 -24.33 -10.62
C LYS A 172 -8.03 -24.01 -9.23
N VAL A 173 -8.47 -22.79 -9.04
CA VAL A 173 -8.92 -22.35 -7.75
C VAL A 173 -10.37 -21.96 -7.79
N GLN A 174 -11.15 -22.62 -6.97
CA GLN A 174 -12.57 -22.41 -6.99
C GLN A 174 -13.15 -21.55 -5.88
N PHE A 175 -13.86 -20.52 -6.26
CA PHE A 175 -14.42 -19.53 -5.36
C PHE A 175 -15.92 -19.68 -5.13
N LYS A 176 -16.41 -19.16 -4.03
CA LYS A 176 -17.84 -19.09 -3.82
C LYS A 176 -18.48 -17.95 -4.64
N GLU A 177 -17.74 -16.87 -4.84
CA GLU A 177 -18.21 -15.69 -5.49
C GLU A 177 -17.01 -15.06 -6.20
N MET A 178 -17.18 -14.65 -7.42
CA MET A 178 -16.17 -13.88 -8.10
C MET A 178 -16.24 -12.47 -7.55
N LYS A 179 -15.11 -11.77 -7.62
CA LYS A 179 -14.96 -10.38 -7.26
C LYS A 179 -14.19 -9.65 -8.34
N PRO A 180 -14.62 -8.47 -8.76
CA PRO A 180 -13.96 -7.78 -9.85
C PRO A 180 -12.50 -7.36 -9.55
N GLY A 181 -12.15 -7.23 -8.30
CA GLY A 181 -10.79 -6.92 -7.93
C GLY A 181 -9.84 -8.04 -8.25
N MET A 182 -10.39 -9.18 -8.64
CA MET A 182 -9.56 -10.33 -8.89
C MET A 182 -8.57 -10.17 -10.06
N THR A 183 -8.73 -9.15 -10.89
CA THR A 183 -7.77 -8.80 -11.92
C THR A 183 -6.59 -7.92 -11.51
N GLN A 184 -6.62 -7.47 -10.26
CA GLN A 184 -5.58 -6.62 -9.71
C GLN A 184 -4.63 -7.43 -8.81
N SER A 185 -3.34 -7.22 -8.98
CA SER A 185 -2.40 -7.79 -8.09
C SER A 185 -2.71 -7.24 -6.69
N GLY A 186 -2.46 -8.06 -5.70
CA GLY A 186 -2.72 -7.72 -4.34
C GLY A 186 -4.15 -7.76 -3.86
N ASN A 187 -5.01 -8.38 -4.66
CA ASN A 187 -6.41 -8.56 -4.35
C ASN A 187 -6.77 -9.40 -3.11
N GLY A 188 -5.92 -10.35 -2.80
CA GLY A 188 -6.09 -11.20 -1.64
C GLY A 188 -7.08 -12.33 -1.67
N TYR A 189 -7.85 -12.43 -2.76
CA TYR A 189 -8.78 -13.52 -3.01
C TYR A 189 -8.09 -14.80 -3.44
N PHE A 190 -7.01 -14.65 -4.18
CA PHE A 190 -6.08 -15.74 -4.33
C PHE A 190 -4.66 -15.27 -4.14
N LEU A 191 -3.76 -16.22 -3.94
CA LEU A 191 -2.38 -15.91 -3.62
C LEU A 191 -1.48 -15.96 -4.87
N GLU A 192 -0.33 -15.32 -4.78
CA GLU A 192 0.49 -15.00 -5.90
C GLU A 192 1.94 -15.51 -5.86
N THR A 193 2.23 -16.40 -4.92
CA THR A 193 3.54 -16.95 -4.73
C THR A 193 3.55 -18.49 -4.69
N VAL A 194 4.74 -19.03 -4.92
CA VAL A 194 5.04 -20.44 -4.74
C VAL A 194 6.05 -20.72 -3.62
N ALA A 195 5.92 -21.88 -3.01
CA ALA A 195 6.89 -22.42 -2.08
C ALA A 195 7.39 -23.82 -2.55
N PRO A 196 8.66 -24.11 -2.29
CA PRO A 196 9.34 -25.31 -2.76
C PRO A 196 8.96 -26.49 -1.90
N TYR A 197 7.86 -27.11 -2.21
CA TYR A 197 7.39 -28.20 -1.36
C TYR A 197 8.45 -29.31 -1.23
N GLN A 198 9.03 -29.70 -2.34
CA GLN A 198 9.99 -30.79 -2.29
C GLN A 198 11.18 -30.43 -1.43
N TYR A 199 11.53 -29.17 -1.36
CA TYR A 199 12.66 -28.74 -0.56
C TYR A 199 12.32 -28.67 0.94
N LEU A 200 11.05 -28.43 1.24
CA LEU A 200 10.64 -28.12 2.60
C LEU A 200 9.70 -29.14 3.24
N LYS A 201 9.31 -30.18 2.52
CA LYS A 201 8.27 -31.06 2.99
C LYS A 201 8.58 -31.77 4.30
N ASP A 202 9.84 -32.00 4.58
CA ASP A 202 10.24 -32.76 5.75
C ASP A 202 10.57 -31.86 6.94
N VAL A 203 10.34 -30.57 6.79
CA VAL A 203 10.48 -29.64 7.90
C VAL A 203 9.16 -29.53 8.71
N ALA A 204 9.18 -29.82 10.00
CA ALA A 204 7.92 -29.70 10.71
C ALA A 204 7.43 -28.26 10.59
N PRO A 205 6.15 -28.11 10.30
CA PRO A 205 5.56 -26.81 10.10
C PRO A 205 6.00 -25.80 11.15
N LYS A 206 5.95 -26.18 12.41
CA LYS A 206 6.35 -25.24 13.45
C LYS A 206 7.80 -24.83 13.47
N ASP A 207 8.64 -25.50 12.71
CA ASP A 207 10.04 -25.15 12.56
C ASP A 207 10.39 -24.47 11.22
N LEU A 208 9.40 -24.36 10.36
CA LEU A 208 9.67 -23.86 9.03
C LEU A 208 10.26 -22.47 9.01
N ALA A 209 9.66 -21.57 9.77
CA ALA A 209 10.10 -20.22 9.71
C ALA A 209 11.53 -20.02 10.19
N SER A 210 12.04 -20.91 11.03
CA SER A 210 13.36 -20.68 11.61
C SER A 210 14.43 -21.50 10.89
N SER A 211 14.01 -22.38 10.02
CA SER A 211 14.89 -23.25 9.31
C SER A 211 15.83 -22.49 8.37
N PRO A 212 17.08 -22.94 8.31
CA PRO A 212 18.00 -22.50 7.27
C PRO A 212 17.29 -22.45 5.95
N LYS A 213 16.52 -23.48 5.60
CA LYS A 213 15.94 -23.62 4.30
C LYS A 213 14.98 -22.51 3.87
N THR A 214 14.59 -21.66 4.80
CA THR A 214 13.71 -20.55 4.48
C THR A 214 14.36 -19.20 4.82
N THR A 215 15.56 -19.25 5.32
CA THR A 215 16.16 -18.09 5.91
C THR A 215 17.49 -17.83 5.21
N THR A 216 18.48 -18.68 5.46
CA THR A 216 19.82 -18.42 4.95
C THR A 216 20.14 -19.28 3.72
N LYS A 217 19.37 -20.31 3.50
CA LYS A 217 19.63 -21.20 2.42
C LYS A 217 18.38 -21.60 1.70
N PRO A 218 17.68 -20.62 1.12
CA PRO A 218 16.39 -20.90 0.51
C PRO A 218 16.54 -21.36 -0.95
N LEU A 219 15.46 -21.80 -1.58
CA LEU A 219 15.38 -21.92 -3.02
C LEU A 219 14.46 -20.80 -3.53
N VAL A 220 14.86 -20.15 -4.62
CA VAL A 220 14.14 -19.04 -5.21
C VAL A 220 13.85 -19.30 -6.70
N THR A 221 13.03 -18.45 -7.33
CA THR A 221 12.64 -18.62 -8.71
C THR A 221 13.01 -17.42 -9.63
N GLY A 222 13.61 -16.40 -9.07
CA GLY A 222 13.87 -15.18 -9.80
C GLY A 222 15.22 -15.04 -10.52
N PRO A 223 15.52 -13.90 -11.10
CA PRO A 223 16.76 -13.79 -11.88
C PRO A 223 18.04 -14.02 -11.13
N PHE A 224 18.08 -13.63 -9.86
CA PHE A 224 19.21 -13.85 -8.97
C PHE A 224 18.83 -14.83 -7.82
N LYS A 225 19.85 -15.39 -7.20
CA LYS A 225 19.63 -16.22 -6.01
C LYS A 225 20.62 -15.79 -4.96
N PRO A 226 20.24 -15.92 -3.69
CA PRO A 226 21.01 -15.41 -2.58
C PRO A 226 22.14 -16.34 -2.28
N GLU A 227 23.34 -15.97 -2.67
CA GLU A 227 24.48 -16.83 -2.43
C GLU A 227 24.92 -16.83 -0.97
N ASN A 228 24.75 -15.69 -0.32
CA ASN A 228 25.04 -15.55 1.07
C ASN A 228 24.03 -14.65 1.71
N VAL A 229 23.61 -14.97 2.91
CA VAL A 229 22.77 -14.09 3.66
C VAL A 229 23.37 -13.91 5.05
N VAL A 230 23.63 -12.65 5.41
CA VAL A 230 24.06 -12.31 6.73
C VAL A 230 22.91 -11.78 7.51
N ALA A 231 22.55 -12.53 8.53
CA ALA A 231 21.36 -12.33 9.29
C ALA A 231 21.27 -10.88 9.70
N GLY A 232 20.16 -10.26 9.40
CA GLY A 232 19.91 -8.92 9.82
C GLY A 232 20.49 -7.79 9.00
N GLU A 233 21.39 -8.12 8.09
CA GLU A 233 22.19 -7.15 7.40
C GLU A 233 22.14 -7.20 5.84
N SER A 234 22.48 -8.31 5.27
CA SER A 234 22.73 -8.39 3.84
C SER A 234 22.40 -9.67 3.09
N ILE A 235 22.35 -9.51 1.78
CA ILE A 235 22.30 -10.60 0.84
C ILE A 235 23.29 -10.37 -0.30
N LYS A 236 23.93 -11.45 -0.71
CA LYS A 236 24.77 -11.47 -1.89
C LYS A 236 24.07 -12.28 -2.93
N TYR A 237 23.61 -11.60 -3.98
CA TYR A 237 22.90 -12.23 -5.04
C TYR A 237 23.86 -12.54 -6.21
N VAL A 238 23.64 -13.70 -6.78
CA VAL A 238 24.31 -14.14 -7.99
C VAL A 238 23.28 -14.68 -8.99
N PRO A 239 23.65 -14.72 -10.26
CA PRO A 239 22.70 -15.17 -11.26
C PRO A 239 22.21 -16.56 -10.97
N ASN A 240 20.93 -16.71 -11.24
CA ASN A 240 20.23 -17.93 -11.06
C ASN A 240 20.16 -18.63 -12.41
N PRO A 241 21.03 -19.61 -12.60
CA PRO A 241 21.16 -20.25 -13.90
C PRO A 241 19.87 -20.73 -14.48
N TYR A 242 18.93 -21.05 -13.60
CA TYR A 242 17.69 -21.69 -14.00
C TYR A 242 16.51 -20.77 -14.23
N TYR A 243 16.75 -19.49 -14.13
CA TYR A 243 15.72 -18.51 -14.38
C TYR A 243 15.20 -18.65 -15.81
N TRP A 244 13.89 -18.63 -15.96
CA TRP A 244 13.21 -18.82 -17.24
C TRP A 244 13.38 -17.66 -18.19
N GLY A 245 13.51 -16.47 -17.67
CA GLY A 245 13.56 -15.28 -18.45
C GLY A 245 14.95 -14.99 -18.93
N GLU A 246 15.20 -13.73 -19.18
CA GLU A 246 16.48 -13.36 -19.74
C GLU A 246 17.57 -13.23 -18.68
N LYS A 247 18.67 -13.89 -18.95
CA LYS A 247 19.88 -13.83 -18.18
C LYS A 247 20.23 -12.36 -17.82
N PRO A 248 20.51 -12.11 -16.55
CA PRO A 248 20.84 -10.76 -16.13
C PRO A 248 22.12 -10.23 -16.79
N LYS A 249 22.28 -8.92 -16.81
CA LYS A 249 23.51 -8.36 -17.31
C LYS A 249 24.61 -8.45 -16.25
N LEU A 250 24.25 -8.19 -15.00
CA LEU A 250 25.16 -8.14 -13.89
C LEU A 250 25.64 -9.50 -13.41
N ASN A 251 26.85 -9.49 -12.88
CA ASN A 251 27.47 -10.65 -12.27
C ASN A 251 26.99 -10.90 -10.84
N SER A 252 26.69 -9.82 -10.17
CA SER A 252 26.21 -9.86 -8.81
C SER A 252 25.55 -8.56 -8.34
N ILE A 253 24.80 -8.71 -7.28
CA ILE A 253 24.17 -7.62 -6.58
C ILE A 253 24.35 -7.86 -5.10
N THR A 254 24.78 -6.84 -4.38
CA THR A 254 24.75 -6.87 -2.96
C THR A 254 23.64 -5.95 -2.44
N TYR A 255 22.92 -6.41 -1.43
CA TYR A 255 21.78 -5.69 -0.94
C TYR A 255 21.87 -5.66 0.59
N GLU A 256 22.08 -4.46 1.11
CA GLU A 256 22.35 -4.21 2.52
C GLU A 256 21.42 -3.16 3.18
N VAL A 257 21.31 -3.27 4.48
CA VAL A 257 20.60 -2.33 5.29
C VAL A 257 21.56 -1.18 5.61
N VAL A 258 21.07 0.05 5.54
CA VAL A 258 21.83 1.18 5.96
C VAL A 258 20.95 1.99 6.89
N SER A 259 21.54 2.55 7.94
CA SER A 259 20.77 3.33 8.90
C SER A 259 20.40 4.70 8.33
N THR A 260 19.40 5.34 8.90
CA THR A 260 18.98 6.63 8.41
C THR A 260 20.15 7.57 8.59
N ALA A 261 20.80 7.49 9.73
CA ALA A 261 21.96 8.32 9.98
C ALA A 261 23.11 8.11 9.04
N LYS A 262 23.26 6.95 8.44
CA LYS A 262 24.42 6.72 7.63
C LYS A 262 24.17 6.89 6.11
N SER A 263 22.91 6.88 5.73
CA SER A 263 22.52 7.04 4.33
C SER A 263 23.17 8.13 3.53
N VAL A 264 23.07 9.37 3.95
CA VAL A 264 23.61 10.49 3.18
C VAL A 264 25.12 10.36 2.95
N ALA A 265 25.83 9.92 3.97
CA ALA A 265 27.24 9.61 3.85
C ALA A 265 27.58 8.56 2.79
N ALA A 266 26.79 7.50 2.77
CA ALA A 266 26.97 6.45 1.83
C ALA A 266 26.83 7.04 0.42
N LEU A 267 26.00 8.04 0.25
CA LEU A 267 25.80 8.48 -1.10
C LEU A 267 27.00 9.30 -1.50
N SER A 268 27.46 10.13 -0.59
CA SER A 268 28.63 10.94 -0.80
C SER A 268 29.89 10.18 -1.14
N SER A 269 30.12 9.05 -0.49
CA SER A 269 31.22 8.18 -0.83
C SER A 269 30.97 7.16 -1.92
N SER A 270 29.78 7.20 -2.51
CA SER A 270 29.37 6.23 -3.46
C SER A 270 29.49 4.80 -2.93
N LYS A 271 29.19 4.58 -1.67
CA LYS A 271 29.13 3.21 -1.21
C LYS A 271 28.01 2.35 -1.78
N TYR A 272 26.91 2.96 -2.20
CA TYR A 272 25.80 2.22 -2.79
C TYR A 272 25.36 2.88 -4.04
N ASP A 273 25.02 2.13 -5.07
CA ASP A 273 24.57 2.72 -6.29
C ASP A 273 23.12 3.20 -6.15
N ILE A 274 22.33 2.43 -5.41
CA ILE A 274 20.91 2.68 -5.17
C ILE A 274 20.57 2.53 -3.70
N ILE A 275 19.92 3.55 -3.13
CA ILE A 275 19.32 3.46 -1.81
C ILE A 275 17.79 3.64 -1.89
N ASN A 276 17.11 2.59 -1.48
CA ASN A 276 15.68 2.55 -1.36
C ASN A 276 15.17 2.77 0.08
N GLY A 277 13.99 3.33 0.17
CA GLY A 277 13.30 3.52 1.43
C GLY A 277 13.67 4.78 2.16
N MET A 278 14.31 5.71 1.47
CA MET A 278 14.76 6.94 2.03
C MET A 278 13.58 7.86 2.41
N VAL A 279 13.68 8.55 3.52
CA VAL A 279 12.55 9.33 3.98
C VAL A 279 12.50 10.75 3.48
N SER A 280 11.30 11.27 3.37
CA SER A 280 11.13 12.57 2.78
C SER A 280 12.00 13.67 3.41
N SER A 281 12.23 13.64 4.71
CA SER A 281 12.99 14.73 5.31
C SER A 281 14.42 14.83 4.83
N GLN A 282 14.95 13.77 4.29
CA GLN A 282 16.30 13.73 3.78
C GLN A 282 16.48 14.21 2.37
N TYR A 283 15.39 14.50 1.70
CA TYR A 283 15.46 14.82 0.30
C TYR A 283 16.36 16.02 -0.04
N LYS A 284 16.29 17.05 0.78
CA LYS A 284 17.03 18.26 0.50
C LYS A 284 18.54 18.02 0.49
N GLN A 285 18.97 17.06 1.27
CA GLN A 285 20.33 16.55 1.32
C GLN A 285 20.74 15.67 0.12
N VAL A 286 19.78 15.02 -0.49
CA VAL A 286 20.04 14.13 -1.57
C VAL A 286 19.99 14.87 -2.87
N LYS A 287 19.10 15.84 -2.93
CA LYS A 287 18.86 16.57 -4.13
C LYS A 287 20.10 17.11 -4.78
N ASN A 288 21.09 17.54 -4.02
CA ASN A 288 22.23 18.21 -4.58
C ASN A 288 23.48 17.35 -4.78
N LEU A 289 23.37 16.06 -4.50
CA LEU A 289 24.48 15.18 -4.60
C LEU A 289 24.86 15.08 -6.04
N LYS A 290 26.07 15.51 -6.33
CA LYS A 290 26.56 15.24 -7.65
C LYS A 290 26.86 13.75 -7.72
N GLY A 291 26.74 13.20 -8.90
CA GLY A 291 27.00 11.80 -9.04
C GLY A 291 25.76 10.93 -9.13
N TYR A 292 24.62 11.52 -8.81
CA TYR A 292 23.37 10.80 -8.66
C TYR A 292 22.24 11.44 -9.45
N LYS A 293 21.32 10.59 -9.89
CA LYS A 293 20.07 10.98 -10.47
C LYS A 293 18.99 10.55 -9.49
N VAL A 294 18.15 11.48 -9.07
CA VAL A 294 17.13 11.19 -8.10
C VAL A 294 15.86 10.97 -8.89
N LEU A 295 15.41 9.74 -8.95
CA LEU A 295 14.13 9.37 -9.53
C LEU A 295 12.94 9.52 -8.54
N GLY A 296 11.74 9.67 -9.10
CA GLY A 296 10.57 9.74 -8.25
C GLY A 296 9.39 8.98 -8.81
N GLN A 297 8.46 8.60 -7.96
CA GLN A 297 7.30 7.87 -8.40
C GLN A 297 6.09 8.06 -7.52
N GLN A 298 4.92 7.98 -8.11
CA GLN A 298 3.72 8.16 -7.34
C GLN A 298 3.50 6.99 -6.37
N ALA A 299 3.31 7.29 -5.10
CA ALA A 299 3.14 6.27 -4.07
C ALA A 299 1.70 5.66 -3.96
N MET A 300 1.62 4.49 -3.35
CA MET A 300 0.35 3.86 -3.06
C MET A 300 -0.16 4.34 -1.74
N TYR A 301 -0.59 5.56 -1.64
CA TYR A 301 -0.74 6.25 -0.36
C TYR A 301 -1.88 7.26 -0.45
N ILE A 302 -2.58 7.38 0.66
CA ILE A 302 -3.57 8.41 0.83
C ILE A 302 -3.54 8.87 2.28
N SER A 303 -3.51 10.18 2.49
CA SER A 303 -3.74 10.72 3.79
C SER A 303 -5.06 11.50 3.78
N LEU A 304 -5.77 11.46 4.88
CA LEU A 304 -7.04 12.16 4.94
C LEU A 304 -7.41 12.63 6.34
N MET A 305 -8.39 13.51 6.37
CA MET A 305 -9.01 14.01 7.61
C MET A 305 -10.35 13.27 7.86
N TYR A 306 -10.52 12.76 9.07
CA TYR A 306 -11.76 12.17 9.50
C TYR A 306 -12.54 13.09 10.44
N TYR A 307 -13.85 12.96 10.40
CA TYR A 307 -14.69 13.69 11.33
C TYR A 307 -15.38 12.65 12.20
N ASN A 308 -15.55 12.91 13.49
CA ASN A 308 -16.12 11.96 14.43
C ASN A 308 -17.64 12.17 14.51
N LEU A 309 -18.39 11.14 14.10
CA LEU A 309 -19.79 11.23 13.76
C LEU A 309 -20.66 10.13 14.41
N GLY A 310 -20.02 9.25 15.16
CA GLY A 310 -20.73 8.17 15.78
C GLY A 310 -19.92 7.17 16.55
N HIS A 311 -20.31 5.91 16.48
CA HIS A 311 -19.67 4.84 17.25
C HIS A 311 -19.73 3.50 16.51
N TYR A 312 -18.89 2.57 16.90
CA TYR A 312 -18.87 1.27 16.29
C TYR A 312 -19.46 0.25 17.23
N ASP A 313 -20.43 -0.48 16.72
CA ASP A 313 -21.07 -1.55 17.44
C ASP A 313 -20.38 -2.85 17.06
N ALA A 314 -19.48 -3.28 17.91
CA ALA A 314 -18.72 -4.46 17.60
C ALA A 314 -19.56 -5.73 17.52
N LYS A 315 -20.43 -5.93 18.49
CA LYS A 315 -21.24 -7.15 18.50
C LYS A 315 -21.99 -7.38 17.18
N ASN A 316 -22.57 -6.33 16.66
CA ASN A 316 -23.34 -6.32 15.44
C ASN A 316 -22.53 -5.81 14.23
N SER A 317 -21.25 -5.56 14.44
CA SER A 317 -20.38 -5.22 13.35
C SER A 317 -20.94 -4.09 12.46
N ILE A 318 -21.28 -2.99 13.05
CA ILE A 318 -21.84 -1.88 12.31
C ILE A 318 -21.55 -0.55 12.96
N ASN A 319 -21.29 0.42 12.11
CA ASN A 319 -21.09 1.76 12.48
C ASN A 319 -22.47 2.45 12.60
N VAL A 320 -22.66 3.18 13.70
CA VAL A 320 -23.82 4.00 13.95
C VAL A 320 -23.45 5.47 14.07
N GLN A 321 -23.98 6.25 13.15
CA GLN A 321 -23.63 7.63 13.04
C GLN A 321 -24.51 8.45 13.96
N ASP A 322 -24.34 8.29 15.27
CA ASP A 322 -25.27 8.86 16.27
C ASP A 322 -24.68 9.89 17.26
N ARG A 323 -23.55 10.46 16.90
CA ARG A 323 -22.87 11.41 17.75
C ARG A 323 -23.37 12.83 17.65
N LYS A 324 -23.61 13.47 18.77
CA LYS A 324 -23.97 14.88 18.76
C LYS A 324 -22.79 15.76 18.44
N THR A 325 -22.89 16.50 17.34
CA THR A 325 -21.83 17.38 16.92
C THR A 325 -22.22 18.26 15.73
N PRO A 326 -21.76 19.48 15.69
CA PRO A 326 -21.99 20.36 14.53
C PRO A 326 -21.54 19.69 13.21
N LEU A 327 -20.61 18.75 13.30
CA LEU A 327 -20.10 18.06 12.13
C LEU A 327 -21.12 17.17 11.47
N GLN A 328 -22.28 17.02 12.09
CA GLN A 328 -23.36 16.27 11.45
C GLN A 328 -23.90 17.14 10.30
N ASP A 329 -23.58 18.43 10.30
CA ASP A 329 -24.04 19.33 9.25
C ASP A 329 -23.08 19.28 8.08
N GLN A 330 -23.56 18.85 6.92
CA GLN A 330 -22.74 18.76 5.71
C GLN A 330 -22.02 20.07 5.41
N ASN A 331 -22.70 21.18 5.58
CA ASN A 331 -22.10 22.48 5.37
C ASN A 331 -20.87 22.73 6.24
N VAL A 332 -20.94 22.28 7.48
CA VAL A 332 -19.81 22.42 8.41
C VAL A 332 -18.66 21.48 7.99
N ARG A 333 -18.99 20.27 7.58
CA ARG A 333 -17.96 19.35 7.14
C ARG A 333 -17.20 19.91 5.95
N GLN A 334 -17.95 20.49 5.02
CA GLN A 334 -17.38 21.02 3.81
C GLN A 334 -16.53 22.23 4.11
N ALA A 335 -17.07 23.10 4.94
CA ALA A 335 -16.40 24.35 5.31
C ALA A 335 -15.06 24.13 5.98
N ILE A 336 -14.99 23.14 6.88
CA ILE A 336 -13.74 22.88 7.53
C ILE A 336 -12.72 22.31 6.52
N GLY A 337 -13.21 21.61 5.52
CA GLY A 337 -12.35 21.23 4.44
C GLY A 337 -11.80 22.37 3.57
N TYR A 338 -12.69 23.20 3.07
CA TYR A 338 -12.33 24.33 2.24
C TYR A 338 -11.39 25.29 2.93
N ALA A 339 -11.37 25.26 4.24
CA ALA A 339 -10.60 26.24 5.01
C ALA A 339 -9.11 25.88 5.04
N ARG A 340 -8.80 24.58 4.90
CA ARG A 340 -7.41 24.16 4.96
C ARG A 340 -6.59 24.69 3.77
N ASN A 341 -5.32 24.89 4.01
CA ASN A 341 -4.35 25.28 3.00
C ASN A 341 -3.33 24.18 2.75
N VAL A 342 -3.82 23.04 2.33
CA VAL A 342 -2.98 21.90 2.11
C VAL A 342 -1.90 22.19 1.09
N ALA A 343 -2.30 22.85 0.02
CA ALA A 343 -1.43 23.05 -1.10
C ALA A 343 -0.28 23.92 -0.64
N GLU A 344 -0.63 24.94 0.15
CA GLU A 344 0.31 25.89 0.72
C GLU A 344 1.25 25.24 1.72
N VAL A 345 0.69 24.44 2.61
CA VAL A 345 1.45 23.66 3.52
C VAL A 345 2.45 22.77 2.80
N ASP A 346 2.03 22.07 1.76
CA ASP A 346 2.89 21.17 1.04
C ASP A 346 4.01 21.93 0.35
N ASN A 347 3.65 23.05 -0.24
CA ASN A 347 4.65 23.86 -0.93
C ASN A 347 5.73 24.34 0.04
N LYS A 348 5.35 24.59 1.28
CA LYS A 348 6.35 25.05 2.23
C LYS A 348 7.28 23.96 2.66
N PHE A 349 6.72 22.80 2.94
CA PHE A 349 7.35 21.78 3.74
C PHE A 349 7.77 20.50 3.01
N SER A 350 7.12 20.18 1.94
CA SER A 350 7.24 18.83 1.44
C SER A 350 8.33 18.56 0.42
N ASN A 351 8.93 19.59 -0.08
CA ASN A 351 10.01 19.35 -1.01
C ASN A 351 9.48 18.71 -2.23
N GLY A 352 8.18 18.80 -2.44
CA GLY A 352 7.57 18.19 -3.58
C GLY A 352 7.07 16.78 -3.41
N LEU A 353 7.27 16.21 -2.23
CA LEU A 353 6.95 14.82 -2.09
C LEU A 353 5.53 14.52 -1.54
N SER A 354 4.82 15.56 -1.15
CA SER A 354 3.40 15.54 -0.81
C SER A 354 2.68 16.53 -1.73
N THR A 355 1.61 16.09 -2.35
CA THR A 355 0.87 16.89 -3.25
C THR A 355 -0.62 16.69 -2.93
N PRO A 356 -1.41 17.77 -3.03
CA PRO A 356 -2.78 17.71 -2.55
C PRO A 356 -3.65 16.69 -3.24
N ALA A 357 -4.33 15.91 -2.43
CA ALA A 357 -5.23 14.90 -2.97
C ALA A 357 -6.50 15.57 -3.42
N ASN A 358 -7.01 15.17 -4.58
CA ASN A 358 -8.34 15.61 -5.00
C ASN A 358 -9.43 14.59 -4.60
N SER A 359 -8.97 13.44 -4.22
CA SER A 359 -9.84 12.28 -4.05
C SER A 359 -9.20 11.16 -3.22
N LEU A 360 -9.97 10.16 -2.86
CA LEU A 360 -9.47 9.12 -1.97
C LEU A 360 -8.65 8.03 -2.64
N ILE A 361 -8.76 7.92 -3.94
CA ILE A 361 -7.94 6.96 -4.65
C ILE A 361 -6.74 7.64 -5.35
N PRO A 362 -5.54 7.17 -5.05
CA PRO A 362 -4.32 7.79 -5.55
C PRO A 362 -4.21 7.71 -7.09
N PRO A 363 -3.64 8.74 -7.68
CA PRO A 363 -3.63 8.87 -9.11
C PRO A 363 -2.78 7.80 -9.79
N ILE A 364 -2.00 7.05 -9.05
CA ILE A 364 -1.28 5.99 -9.71
C ILE A 364 -2.27 4.95 -10.25
N PHE A 365 -3.42 4.85 -9.60
CA PHE A 365 -4.45 3.97 -10.09
C PHE A 365 -5.24 4.56 -11.27
N LYS A 366 -4.68 4.55 -12.48
CA LYS A 366 -5.31 5.33 -13.53
C LYS A 366 -6.67 4.80 -13.95
N GLN A 367 -6.86 3.51 -13.76
CA GLN A 367 -8.03 2.80 -14.16
C GLN A 367 -9.14 2.96 -13.10
N PHE A 368 -8.81 3.59 -11.99
CA PHE A 368 -9.74 3.75 -10.92
C PHE A 368 -10.01 5.19 -10.44
N THR A 369 -9.41 6.16 -11.07
CA THR A 369 -9.71 7.50 -10.67
C THR A 369 -9.47 8.43 -11.80
N SER A 370 -9.54 9.72 -11.48
CA SER A 370 -9.42 10.79 -12.44
C SER A 370 -9.13 12.13 -11.79
N SER A 371 -8.30 12.95 -12.41
CA SER A 371 -7.97 14.24 -11.84
C SER A 371 -9.15 15.19 -11.99
N SER A 372 -10.15 14.73 -12.72
CA SER A 372 -11.39 15.48 -12.90
C SER A 372 -12.26 15.57 -11.67
N VAL A 373 -12.05 14.66 -10.75
CA VAL A 373 -12.78 14.70 -9.51
C VAL A 373 -12.21 15.85 -8.64
N LYS A 374 -13.08 16.69 -8.15
CA LYS A 374 -12.71 17.87 -7.42
C LYS A 374 -12.96 17.70 -5.92
N GLY A 375 -11.97 17.98 -5.12
CA GLY A 375 -12.09 17.84 -3.69
C GLY A 375 -11.80 19.17 -2.99
N TYR A 376 -11.02 19.10 -1.94
CA TYR A 376 -10.60 20.28 -1.13
C TYR A 376 -9.11 20.70 -1.31
N GLU A 377 -8.61 20.37 -2.49
CA GLU A 377 -7.24 20.59 -2.83
C GLU A 377 -6.91 22.10 -3.02
N LYS A 378 -7.94 22.89 -3.14
CA LYS A 378 -7.79 24.33 -3.25
C LYS A 378 -8.47 25.07 -2.07
N GLN A 379 -7.74 25.83 -1.29
CA GLN A 379 -8.35 26.56 -0.19
C GLN A 379 -9.38 27.52 -0.73
N ASP A 380 -10.52 27.61 -0.10
CA ASP A 380 -11.55 28.56 -0.51
C ASP A 380 -12.21 29.11 0.76
N LEU A 381 -11.54 30.05 1.39
CA LEU A 381 -12.03 30.63 2.64
C LEU A 381 -13.40 31.33 2.49
N ASP A 382 -13.59 32.06 1.40
CA ASP A 382 -14.89 32.61 1.02
C ASP A 382 -16.02 31.61 1.03
N LYS A 383 -15.80 30.45 0.42
CA LYS A 383 -16.84 29.47 0.29
C LYS A 383 -17.13 28.91 1.65
N ALA A 384 -16.09 28.57 2.36
CA ALA A 384 -16.20 28.12 3.74
C ALA A 384 -17.00 29.07 4.65
N ASN A 385 -16.68 30.33 4.62
CA ASN A 385 -17.42 31.33 5.39
C ASN A 385 -18.88 31.45 4.96
N LYS A 386 -19.15 31.32 3.67
CA LYS A 386 -20.49 31.33 3.15
C LYS A 386 -21.25 30.12 3.59
N LEU A 387 -20.63 28.94 3.50
CA LEU A 387 -21.34 27.74 3.86
C LEU A 387 -21.79 27.83 5.30
N LEU A 388 -20.95 28.37 6.15
CA LEU A 388 -21.28 28.45 7.56
C LEU A 388 -22.32 29.51 7.85
N ASP A 389 -22.15 30.64 7.22
CA ASP A 389 -23.14 31.71 7.22
C ASP A 389 -24.53 31.18 7.03
N GLU A 390 -24.74 30.52 5.90
CA GLU A 390 -26.04 30.06 5.47
C GLU A 390 -26.50 28.80 6.18
N ASP A 391 -25.73 28.41 7.18
CA ASP A 391 -26.18 27.30 7.99
C ASP A 391 -26.45 27.78 9.43
N GLY A 392 -26.61 29.08 9.61
CA GLY A 392 -26.90 29.65 10.89
C GLY A 392 -25.76 29.82 11.84
N TRP A 393 -24.54 29.56 11.42
CA TRP A 393 -23.42 29.76 12.32
C TRP A 393 -22.96 31.16 12.19
N LYS A 394 -23.63 32.04 12.89
CA LYS A 394 -23.36 33.45 12.75
C LYS A 394 -22.21 33.89 13.58
N LEU A 395 -21.29 34.61 12.94
CA LEU A 395 -20.11 35.11 13.63
C LEU A 395 -20.49 35.97 14.83
N ASN A 396 -19.76 35.79 15.93
CA ASN A 396 -20.00 36.54 17.15
C ASN A 396 -19.05 37.72 17.32
N LYS A 397 -18.88 38.49 16.39
CA LYS A 397 -18.09 39.71 16.50
C LYS A 397 -17.28 39.93 17.81
N SER A 398 -17.99 39.88 18.99
CA SER A 398 -17.01 40.08 20.01
C SER A 398 -15.93 39.02 19.90
N THR A 399 -16.31 37.75 20.10
CA THR A 399 -15.39 36.61 20.15
C THR A 399 -14.55 36.19 18.96
N GLY A 400 -14.99 36.46 17.75
CA GLY A 400 -14.37 36.05 16.50
C GLY A 400 -14.67 34.60 16.15
N TYR A 401 -15.72 34.06 16.75
CA TYR A 401 -16.11 32.69 16.50
C TYR A 401 -17.62 32.65 16.32
N ARG A 402 -18.10 31.70 15.54
CA ARG A 402 -19.47 31.62 15.11
C ARG A 402 -20.32 30.85 16.12
N GLU A 403 -21.58 31.27 16.26
CA GLU A 403 -22.54 30.58 17.11
C GLU A 403 -23.88 30.25 16.45
N LYS A 404 -24.54 29.27 17.01
CA LYS A 404 -25.81 28.84 16.54
C LYS A 404 -26.59 28.29 17.70
N ASP A 405 -27.80 28.83 17.85
CA ASP A 405 -28.70 28.52 18.96
C ASP A 405 -27.91 28.67 20.25
N GLY A 406 -27.08 29.70 20.36
CA GLY A 406 -26.36 30.03 21.58
C GLY A 406 -25.05 29.38 21.95
N LYS A 407 -24.56 28.42 21.16
CA LYS A 407 -23.35 27.65 21.45
C LYS A 407 -22.20 27.94 20.44
N GLU A 408 -20.99 28.20 20.91
CA GLU A 408 -19.83 28.42 20.03
C GLU A 408 -19.41 27.19 19.18
N LEU A 409 -18.88 27.41 17.99
CA LEU A 409 -18.46 26.32 17.11
C LEU A 409 -17.03 26.06 17.40
N SER A 410 -16.80 25.11 18.29
CA SER A 410 -15.53 24.83 18.87
C SER A 410 -15.29 23.30 18.80
N LEU A 411 -14.14 22.88 18.30
CA LEU A 411 -13.84 21.46 18.06
C LEU A 411 -12.44 21.04 18.54
N VAL A 412 -12.29 19.74 18.76
CA VAL A 412 -11.04 19.15 19.15
C VAL A 412 -10.41 18.37 18.01
N TYR A 413 -9.16 18.68 17.75
CA TYR A 413 -8.36 18.14 16.66
C TYR A 413 -7.30 17.20 17.23
N ALA A 414 -7.54 15.92 17.05
CA ALA A 414 -6.58 14.96 17.46
C ALA A 414 -5.50 14.77 16.40
N ALA A 415 -4.64 15.77 16.30
CA ALA A 415 -3.45 15.76 15.49
C ALA A 415 -2.46 14.82 16.11
N ARG A 416 -1.64 14.23 15.28
CA ARG A 416 -0.66 13.29 15.73
C ARG A 416 0.80 13.50 15.24
N VAL A 417 1.74 13.07 16.07
CA VAL A 417 3.13 13.03 15.77
C VAL A 417 3.52 12.21 14.59
N GLY A 418 4.76 12.41 14.10
CA GLY A 418 5.27 11.54 13.05
C GLY A 418 5.93 12.32 11.93
N ASP A 419 5.21 13.31 11.39
CA ASP A 419 5.72 14.14 10.30
C ASP A 419 6.73 15.15 10.82
N ALA A 420 7.92 15.16 10.24
CA ALA A 420 8.96 16.07 10.63
C ALA A 420 8.43 17.40 11.13
N ASN A 421 7.38 17.89 10.45
CA ASN A 421 6.79 19.20 10.73
C ASN A 421 5.36 19.10 11.24
N ALA A 422 5.10 18.01 11.96
CA ALA A 422 3.80 17.71 12.54
C ALA A 422 3.15 18.85 13.33
N GLU A 423 3.90 19.42 14.29
CA GLU A 423 3.45 20.49 15.14
C GLU A 423 3.05 21.72 14.31
N THR A 424 3.91 22.08 13.38
CA THR A 424 3.76 23.29 12.59
C THR A 424 2.53 23.22 11.65
N ILE A 425 2.35 22.07 11.03
CA ILE A 425 1.25 21.84 10.13
C ILE A 425 -0.11 21.90 10.87
N ALA A 426 -0.15 21.33 12.06
CA ALA A 426 -1.37 21.33 12.79
C ALA A 426 -1.76 22.75 13.20
N GLN A 427 -0.76 23.51 13.62
CA GLN A 427 -0.93 24.90 13.95
C GLN A 427 -1.43 25.71 12.79
N ASN A 428 -0.89 25.49 11.60
CA ASN A 428 -1.37 26.12 10.38
C ASN A 428 -2.86 25.89 10.18
N TYR A 429 -3.26 24.63 10.29
CA TYR A 429 -4.66 24.32 10.16
C TYR A 429 -5.54 25.02 11.25
N ILE A 430 -5.14 24.96 12.49
CA ILE A 430 -5.88 25.65 13.53
C ILE A 430 -6.10 27.13 13.18
N GLN A 431 -5.09 27.75 12.60
CA GLN A 431 -5.14 29.19 12.31
C GLN A 431 -6.07 29.43 11.13
N GLN A 432 -6.07 28.52 10.17
CA GLN A 432 -6.93 28.63 9.00
C GLN A 432 -8.35 28.55 9.48
N TRP A 433 -8.56 27.72 10.49
CA TRP A 433 -9.91 27.45 10.93
C TRP A 433 -10.43 28.67 11.73
N LYS A 434 -9.59 29.25 12.53
CA LYS A 434 -9.85 30.57 13.14
C LYS A 434 -10.35 31.58 12.10
N LYS A 435 -9.66 31.71 10.97
CA LYS A 435 -10.13 32.57 9.90
C LYS A 435 -11.61 32.43 9.52
N ILE A 436 -12.19 31.23 9.59
CA ILE A 436 -13.61 31.05 9.28
C ILE A 436 -14.56 30.98 10.49
N GLY A 437 -14.05 31.36 11.64
CA GLY A 437 -14.81 31.47 12.85
C GLY A 437 -14.97 30.15 13.59
N VAL A 438 -14.01 29.26 13.40
CA VAL A 438 -14.04 27.98 14.08
C VAL A 438 -12.89 27.85 15.05
N LYS A 439 -13.22 27.50 16.29
CA LYS A 439 -12.23 27.37 17.32
C LYS A 439 -11.78 25.95 17.44
N VAL A 440 -10.51 25.72 17.24
CA VAL A 440 -9.98 24.38 17.22
C VAL A 440 -8.78 24.24 18.15
N SER A 441 -8.76 23.21 18.96
CA SER A 441 -7.70 22.94 19.90
C SER A 441 -7.18 21.53 19.76
N LEU A 442 -5.92 21.31 20.08
CA LEU A 442 -5.34 19.96 20.05
C LEU A 442 -5.88 19.03 21.10
N TYR A 443 -6.00 17.75 20.77
CA TYR A 443 -6.41 16.76 21.75
C TYR A 443 -5.42 16.81 22.92
N ASN A 444 -5.94 17.13 24.09
CA ASN A 444 -5.14 17.45 25.26
C ASN A 444 -4.01 18.44 25.11
N GLY A 445 -4.11 19.41 24.23
CA GLY A 445 -3.08 20.38 24.05
C GLY A 445 -1.76 19.96 23.43
N LYS A 446 -1.68 18.70 22.97
CA LYS A 446 -0.49 18.21 22.35
C LYS A 446 -0.81 17.24 21.22
N LEU A 447 0.19 16.95 20.38
CA LEU A 447 0.03 15.96 19.35
C LEU A 447 -0.04 14.59 19.98
N MET A 448 -0.78 13.67 19.39
CA MET A 448 -0.83 12.33 19.93
C MET A 448 0.30 11.52 19.40
N GLU A 449 0.83 10.63 20.22
CA GLU A 449 1.79 9.67 19.77
C GLU A 449 1.05 8.63 18.94
N PHE A 450 1.76 8.04 18.00
CA PHE A 450 1.15 7.10 17.07
C PHE A 450 0.37 5.97 17.75
N ASN A 451 1.03 5.24 18.63
CA ASN A 451 0.39 4.13 19.27
C ASN A 451 -0.84 4.52 20.11
N SER A 452 -0.81 5.72 20.68
CA SER A 452 -1.93 6.22 21.41
C SER A 452 -3.08 6.53 20.41
N TRP A 453 -2.73 7.09 19.27
CA TRP A 453 -3.69 7.41 18.24
C TRP A 453 -4.39 6.12 17.69
N VAL A 454 -3.63 5.10 17.37
CA VAL A 454 -4.21 3.85 16.86
C VAL A 454 -5.22 3.33 17.90
N ASP A 455 -4.78 3.18 19.14
CA ASP A 455 -5.66 2.79 20.22
C ASP A 455 -6.94 3.63 20.29
N HIS A 456 -6.79 4.93 20.23
CA HIS A 456 -7.92 5.85 20.37
C HIS A 456 -8.95 5.61 19.26
N MET A 457 -8.45 5.38 18.08
CA MET A 457 -9.26 5.22 16.90
C MET A 457 -9.85 3.82 16.67
N THR A 458 -9.16 2.79 17.10
CA THR A 458 -9.49 1.43 16.77
C THR A 458 -10.17 0.69 17.91
N THR A 459 -10.20 1.26 19.10
CA THR A 459 -10.88 0.61 20.19
C THR A 459 -12.41 0.82 20.20
N PRO A 460 -13.19 -0.22 19.92
CA PRO A 460 -14.64 0.01 19.97
C PRO A 460 -15.08 0.42 21.41
N PRO A 461 -16.12 1.24 21.58
CA PRO A 461 -17.00 1.69 20.51
C PRO A 461 -16.52 2.97 19.83
N GLY A 462 -15.39 3.46 20.26
CA GLY A 462 -14.94 4.75 19.80
C GLY A 462 -15.11 5.81 20.86
N ALA A 463 -14.26 6.81 20.79
CA ALA A 463 -14.29 7.91 21.75
C ALA A 463 -15.24 9.07 21.35
N ASN A 464 -15.61 9.87 22.33
CA ASN A 464 -16.48 11.00 22.11
C ASN A 464 -15.78 12.32 22.33
N ASP A 465 -14.48 12.26 22.47
CA ASP A 465 -13.75 13.37 22.91
C ASP A 465 -12.79 13.94 21.89
N TRP A 466 -13.01 13.55 20.65
CA TRP A 466 -12.44 14.23 19.50
C TRP A 466 -13.50 14.46 18.43
N ASP A 467 -13.19 15.45 17.61
CA ASP A 467 -14.01 15.87 16.49
C ASP A 467 -13.34 15.66 15.10
N ILE A 468 -12.09 16.12 15.00
CA ILE A 468 -11.27 15.99 13.78
C ILE A 468 -10.03 15.14 14.04
N THR A 469 -9.70 14.23 13.14
CA THR A 469 -8.38 13.58 13.17
C THR A 469 -7.83 13.31 11.75
N ASP A 470 -6.56 12.90 11.69
CA ASP A 470 -5.87 12.59 10.45
C ASP A 470 -5.50 11.11 10.42
N GLY A 471 -5.60 10.54 9.25
CA GLY A 471 -5.21 9.18 9.02
C GLY A 471 -4.41 9.07 7.72
N SER A 472 -3.58 8.05 7.63
CA SER A 472 -2.85 7.75 6.40
C SER A 472 -2.59 6.29 6.20
N TRP A 473 -2.76 5.88 4.97
CA TRP A 473 -2.73 4.52 4.58
C TRP A 473 -1.77 4.28 3.43
N SER A 474 -1.04 3.17 3.54
CA SER A 474 -0.35 2.53 2.44
C SER A 474 -1.31 1.52 1.84
N LEU A 475 -1.80 1.83 0.66
CA LEU A 475 -2.76 1.01 -0.02
C LEU A 475 -2.18 -0.17 -0.80
N ALA A 476 -2.90 -1.27 -0.77
CA ALA A 476 -2.56 -2.42 -1.58
C ALA A 476 -2.94 -2.17 -3.03
N SER A 477 -2.37 -2.91 -3.94
CA SER A 477 -2.57 -2.64 -5.33
C SER A 477 -3.97 -3.00 -5.94
N GLU A 478 -4.85 -3.53 -5.11
CA GLU A 478 -6.32 -3.49 -5.24
C GLU A 478 -6.79 -2.47 -4.14
N PRO A 479 -7.16 -1.26 -4.54
CA PRO A 479 -7.41 -0.17 -3.61
C PRO A 479 -8.78 -0.26 -2.96
N SER A 480 -9.00 -1.40 -2.34
CA SER A 480 -10.29 -1.66 -1.78
C SER A 480 -10.71 -0.66 -0.74
N GLN A 481 -11.89 -0.10 -0.89
CA GLN A 481 -12.42 0.85 0.08
C GLN A 481 -13.31 0.21 1.16
N GLN A 482 -13.74 -1.04 1.00
CA GLN A 482 -14.68 -1.66 1.95
C GLN A 482 -14.10 -1.62 3.34
N ASP A 483 -12.86 -2.02 3.47
CA ASP A 483 -12.24 -2.20 4.76
C ASP A 483 -11.88 -0.88 5.46
N LEU A 484 -11.99 0.22 4.74
CA LEU A 484 -11.71 1.50 5.31
C LEU A 484 -12.97 2.32 5.60
N PHE A 485 -13.93 2.24 4.70
CA PHE A 485 -15.10 3.13 4.71
C PHE A 485 -16.50 2.51 4.71
N SER A 486 -16.62 1.20 4.73
CA SER A 486 -17.94 0.60 4.74
C SER A 486 -18.66 0.70 6.11
N ALA A 487 -19.95 0.43 6.12
CA ALA A 487 -20.72 0.56 7.33
C ALA A 487 -20.19 -0.45 8.35
N ALA A 488 -19.65 -1.53 7.87
CA ALA A 488 -19.27 -2.61 8.78
C ALA A 488 -17.81 -2.59 9.21
N ALA A 489 -17.06 -1.62 8.71
CA ALA A 489 -15.62 -1.60 8.94
C ALA A 489 -15.26 -0.99 10.30
N PRO A 490 -14.43 -1.67 11.05
CA PRO A 490 -13.89 -1.09 12.29
C PRO A 490 -12.99 0.13 12.06
N TYR A 491 -12.44 0.21 10.86
CA TYR A 491 -11.47 1.20 10.48
C TYR A 491 -12.14 2.48 9.98
N ASN A 492 -13.46 2.45 9.88
CA ASN A 492 -14.26 3.64 9.63
C ASN A 492 -14.24 4.42 10.94
N PHE A 493 -13.12 5.12 11.20
CA PHE A 493 -12.82 5.80 12.43
C PHE A 493 -13.83 6.84 12.91
N GLY A 494 -14.46 7.54 11.98
CA GLY A 494 -15.45 8.54 12.27
C GLY A 494 -16.89 7.99 12.35
N HIS A 495 -17.05 6.78 11.85
CA HIS A 495 -18.25 6.00 12.03
C HIS A 495 -19.46 6.56 11.27
N PHE A 496 -19.23 7.02 10.05
CA PHE A 496 -20.33 7.36 9.20
C PHE A 496 -21.06 6.14 8.57
N ASN A 497 -22.31 6.34 8.20
CA ASN A 497 -23.15 5.31 7.70
C ASN A 497 -24.19 5.97 6.76
N ASP A 498 -24.01 5.74 5.47
CA ASP A 498 -24.71 6.46 4.41
C ASP A 498 -25.13 5.45 3.32
N SER A 499 -26.43 5.41 3.04
CA SER A 499 -26.99 4.45 2.12
C SER A 499 -26.40 4.64 0.71
N GLU A 500 -26.20 5.87 0.31
CA GLU A 500 -25.63 6.15 -0.99
C GLU A 500 -24.15 5.73 -1.10
N ILE A 501 -23.43 5.99 -0.04
CA ILE A 501 -22.08 5.51 0.03
C ILE A 501 -22.05 3.99 0.05
N THR A 502 -22.93 3.35 0.81
CA THR A 502 -22.96 1.89 0.83
C THR A 502 -23.22 1.26 -0.54
N LYS A 503 -24.16 1.87 -1.25
CA LYS A 503 -24.50 1.53 -2.59
C LYS A 503 -23.31 1.64 -3.55
N ASP A 504 -22.61 2.74 -3.40
CA ASP A 504 -21.48 3.03 -4.21
C ASP A 504 -20.36 1.99 -4.03
N LEU A 505 -20.05 1.72 -2.78
CA LEU A 505 -19.07 0.73 -2.47
C LEU A 505 -19.50 -0.64 -3.00
N ASN A 506 -20.78 -0.98 -2.88
CA ASN A 506 -21.20 -2.26 -3.38
C ASN A 506 -21.04 -2.36 -4.90
N ASP A 507 -21.38 -1.28 -5.60
CA ASP A 507 -21.31 -1.24 -7.05
C ASP A 507 -19.89 -1.51 -7.53
N ILE A 508 -18.93 -1.00 -6.76
CA ILE A 508 -17.51 -1.12 -7.10
C ILE A 508 -17.11 -2.60 -7.09
N ASP A 509 -17.69 -3.36 -6.19
CA ASP A 509 -17.33 -4.74 -6.09
C ASP A 509 -18.39 -5.66 -6.71
N SER A 510 -19.27 -5.12 -7.53
CA SER A 510 -20.31 -5.90 -8.15
C SER A 510 -19.88 -6.66 -9.43
N ALA A 511 -20.68 -7.62 -9.83
CA ALA A 511 -20.42 -8.36 -11.05
C ALA A 511 -20.33 -7.43 -12.25
N LYS A 512 -21.12 -6.37 -12.26
CA LYS A 512 -21.01 -5.42 -13.34
C LYS A 512 -19.62 -4.83 -13.45
N SER A 513 -18.98 -4.66 -12.33
CA SER A 513 -17.66 -4.07 -12.30
C SER A 513 -16.55 -5.03 -12.80
N GLU A 514 -16.94 -6.22 -13.27
CA GLU A 514 -16.02 -7.08 -14.02
C GLU A 514 -15.56 -6.38 -15.30
N ASN A 515 -16.35 -5.43 -15.77
CA ASN A 515 -15.98 -4.57 -16.86
C ASN A 515 -15.24 -3.31 -16.38
N PRO A 516 -14.02 -3.12 -16.86
CA PRO A 516 -13.13 -2.08 -16.35
C PRO A 516 -13.70 -0.70 -16.46
N THR A 517 -14.42 -0.43 -17.52
CA THR A 517 -14.98 0.89 -17.74
C THR A 517 -16.03 1.16 -16.67
N TYR A 518 -16.95 0.22 -16.49
CA TYR A 518 -17.93 0.28 -15.43
C TYR A 518 -17.31 0.46 -14.03
N ARG A 519 -16.33 -0.37 -13.70
CA ARG A 519 -15.64 -0.23 -12.46
C ARG A 519 -15.02 1.15 -12.27
N LYS A 520 -14.37 1.66 -13.29
CA LYS A 520 -13.84 2.98 -13.23
C LYS A 520 -14.92 4.01 -12.83
N ALA A 521 -16.04 3.93 -13.49
CA ALA A 521 -17.09 4.89 -13.27
C ALA A 521 -17.62 4.74 -11.85
N ALA A 522 -17.69 3.51 -11.40
CA ALA A 522 -18.13 3.26 -10.04
C ALA A 522 -17.18 3.87 -9.01
N PHE A 523 -15.89 3.71 -9.23
CA PHE A 523 -14.88 4.31 -8.37
C PHE A 523 -14.99 5.85 -8.39
N VAL A 524 -15.13 6.39 -9.56
CA VAL A 524 -15.30 7.82 -9.75
C VAL A 524 -16.53 8.40 -9.02
N LYS A 525 -17.68 7.79 -9.20
CA LYS A 525 -18.91 8.19 -8.51
C LYS A 525 -18.73 8.11 -7.01
N TYR A 526 -18.18 6.99 -6.55
CA TYR A 526 -17.83 6.85 -5.13
C TYR A 526 -17.01 8.05 -4.60
N GLN A 527 -15.92 8.35 -5.30
CA GLN A 527 -15.05 9.45 -4.93
C GLN A 527 -15.77 10.81 -4.91
N GLU A 528 -16.61 11.04 -5.91
CA GLU A 528 -17.40 12.23 -5.95
C GLU A 528 -18.35 12.34 -4.74
N ASP A 529 -19.08 11.27 -4.52
CA ASP A 529 -20.01 11.22 -3.44
C ASP A 529 -19.29 11.43 -2.09
N MET A 530 -18.18 10.75 -1.87
CA MET A 530 -17.42 10.99 -0.64
C MET A 530 -17.02 12.45 -0.49
N ASN A 531 -16.55 13.10 -1.57
CA ASN A 531 -16.12 14.49 -1.41
C ASN A 531 -17.31 15.37 -1.09
N LYS A 532 -18.44 15.11 -1.71
CA LYS A 532 -19.61 15.91 -1.49
C LYS A 532 -20.15 15.84 -0.05
N LYS A 533 -20.36 14.60 0.40
CA LYS A 533 -20.84 14.31 1.74
C LYS A 533 -19.85 14.71 2.82
N ALA A 534 -18.58 14.57 2.50
CA ALA A 534 -17.52 15.10 3.30
C ALA A 534 -17.45 14.52 4.73
N TYR A 535 -17.79 13.25 4.85
CA TYR A 535 -17.60 12.53 6.08
C TYR A 535 -16.09 12.39 6.38
N VAL A 536 -15.31 12.23 5.32
CA VAL A 536 -13.89 12.38 5.42
C VAL A 536 -13.43 13.33 4.30
N ILE A 537 -12.21 13.83 4.42
CA ILE A 537 -11.66 14.74 3.44
C ILE A 537 -10.23 14.31 2.99
N PRO A 538 -10.05 14.07 1.69
CA PRO A 538 -8.73 13.65 1.21
C PRO A 538 -7.71 14.78 1.42
N THR A 539 -6.53 14.45 1.89
CA THR A 539 -5.49 15.37 2.21
C THR A 539 -4.36 15.41 1.19
N ASN A 540 -3.53 14.36 1.21
CA ASN A 540 -2.34 14.29 0.39
C ASN A 540 -2.19 12.98 -0.36
N PHE A 541 -1.60 13.06 -1.55
CA PHE A 541 -0.95 11.98 -2.23
C PHE A 541 0.54 12.14 -1.95
N MET A 542 1.32 11.11 -2.21
N MET A 542 1.32 11.11 -2.16
CA MET A 542 2.75 11.21 -1.97
CA MET A 542 2.77 11.30 -1.97
C MET A 542 3.58 10.71 -3.14
C MET A 542 3.58 10.68 -3.09
N LEU A 543 4.82 11.16 -3.20
CA LEU A 543 5.84 10.63 -4.06
C LEU A 543 6.94 9.95 -3.25
N ASN A 544 7.40 8.81 -3.73
CA ASN A 544 8.65 8.24 -3.27
C ASN A 544 9.82 8.65 -4.16
N TYR A 545 11.01 8.73 -3.59
CA TYR A 545 12.22 9.04 -4.36
C TYR A 545 13.32 7.98 -4.15
N THR A 546 14.21 7.90 -5.13
CA THR A 546 15.27 6.91 -5.13
C THR A 546 16.50 7.52 -5.80
N PRO A 547 17.57 7.71 -5.03
CA PRO A 547 18.83 8.09 -5.63
C PRO A 547 19.53 6.98 -6.38
N VAL A 548 19.96 7.31 -7.58
CA VAL A 548 20.63 6.38 -8.46
C VAL A 548 21.99 6.91 -8.95
N ASN A 549 23.04 6.16 -8.79
CA ASN A 549 24.35 6.55 -9.25
C ASN A 549 24.34 6.64 -10.76
N LYS A 550 24.93 7.70 -11.26
CA LYS A 550 24.94 7.94 -12.64
C LYS A 550 25.51 6.83 -13.51
N ARG A 551 26.21 5.86 -12.93
CA ARG A 551 26.75 4.78 -13.72
C ARG A 551 25.73 3.67 -14.00
N VAL A 552 24.59 3.72 -13.32
CA VAL A 552 23.57 2.71 -13.49
C VAL A 552 22.80 2.84 -14.82
N VAL A 553 22.57 1.71 -15.45
CA VAL A 553 21.92 1.62 -16.72
C VAL A 553 20.66 0.77 -16.62
N GLY A 554 19.57 1.30 -17.13
CA GLY A 554 18.30 0.65 -17.09
C GLY A 554 17.45 0.73 -15.84
N MET A 555 17.80 1.58 -14.90
CA MET A 555 17.01 1.74 -13.70
C MET A 555 15.73 2.59 -13.99
N THR A 556 14.64 2.19 -13.36
CA THR A 556 13.38 2.87 -13.51
C THR A 556 12.46 2.50 -12.38
N LEU A 557 11.63 3.43 -11.95
CA LEU A 557 10.63 3.22 -10.92
C LEU A 557 9.24 2.79 -11.53
N ASP A 558 9.19 2.68 -12.83
CA ASP A 558 7.94 2.35 -13.52
C ASP A 558 7.32 1.09 -12.91
N TYR A 559 6.09 1.18 -12.45
CA TYR A 559 5.47 0.02 -11.86
C TYR A 559 5.14 -1.09 -12.88
N GLY A 560 5.13 -0.78 -14.16
CA GLY A 560 4.95 -1.82 -15.17
C GLY A 560 6.20 -2.51 -15.72
N ALA A 561 7.33 -2.16 -15.15
CA ALA A 561 8.61 -2.67 -15.57
C ALA A 561 8.85 -3.99 -14.90
N MET A 562 8.76 -5.08 -15.65
CA MET A 562 8.71 -6.41 -15.05
C MET A 562 10.09 -7.13 -14.95
N ASN A 563 11.08 -6.62 -15.67
CA ASN A 563 12.38 -7.29 -15.78
C ASN A 563 13.59 -6.45 -15.35
N THR A 564 13.41 -5.48 -14.49
CA THR A 564 14.45 -4.53 -14.17
C THR A 564 15.70 -5.29 -13.67
N TRP A 565 15.56 -6.29 -12.83
CA TRP A 565 16.77 -6.93 -12.30
C TRP A 565 17.58 -7.63 -13.40
N SER A 566 16.92 -8.00 -14.46
CA SER A 566 17.60 -8.64 -15.59
C SER A 566 18.21 -7.59 -16.53
N GLU A 567 17.49 -6.50 -16.69
CA GLU A 567 17.91 -5.42 -17.56
C GLU A 567 18.94 -4.48 -16.99
N ILE A 568 18.93 -4.31 -15.70
CA ILE A 568 19.79 -3.35 -15.06
C ILE A 568 21.28 -3.70 -15.21
N GLY A 569 22.08 -2.69 -15.43
CA GLY A 569 23.50 -2.82 -15.64
C GLY A 569 24.27 -1.60 -15.13
N VAL A 570 25.56 -1.53 -15.40
CA VAL A 570 26.37 -0.37 -15.09
C VAL A 570 27.24 -0.04 -16.29
N SER A 571 27.60 1.22 -16.44
CA SER A 571 28.38 1.66 -17.60
C SER A 571 29.92 1.55 -17.42
N SER A 572 30.32 1.26 -16.20
CA SER A 572 31.71 1.10 -15.84
C SER A 572 31.79 0.48 -14.46
N SER B 1 -3.89 -6.02 1.77
CA SER B 1 -4.80 -5.14 2.46
C SER B 1 -3.99 -3.93 2.76
N PHE B 2 -4.60 -2.96 3.42
CA PHE B 2 -3.88 -1.76 3.69
C PHE B 2 -3.33 -1.72 5.07
N ALA B 3 -2.40 -0.81 5.23
CA ALA B 3 -1.73 -0.71 6.47
C ALA B 3 -1.64 0.74 6.85
N ASN B 4 -1.78 0.99 8.14
CA ASN B 4 -1.43 2.28 8.66
C ASN B 4 -0.09 2.67 8.08
N GLY B 5 0.04 3.90 7.65
CA GLY B 5 1.30 4.36 7.16
C GLY B 5 1.23 5.29 6.01
#